data_5AFY
#
_entry.id   5AFY
#
_cell.length_a   70.373
_cell.length_b   71.500
_cell.length_c   72.636
_cell.angle_alpha   90.00
_cell.angle_beta   100.53
_cell.angle_gamma   90.00
#
_symmetry.space_group_name_H-M   'C 1 2 1'
#
loop_
_entity.id
_entity.type
_entity.pdbx_description
1 polymer Prothrombin
2 polymer Hirudin-2
3 polymer Prothrombin
4 non-polymer 'SODIUM ION'
5 non-polymer 3-CHLORO-BENZAMIDE
6 non-polymer 'DIMETHYL SULFOXIDE'
7 non-polymer 'PHOSPHATE ION'
8 non-polymer GLYCEROL
9 non-polymer 2-acetamido-2-deoxy-beta-D-glucopyranose
10 water water
#
loop_
_entity_poly.entity_id
_entity_poly.type
_entity_poly.pdbx_seq_one_letter_code
_entity_poly.pdbx_strand_id
1 'polypeptide(L)'
;IVEGSDAEIGMSPWQVMLFRKSPQELLCGASLISDRWVLTAAHCLLYPPWDKNFTENDLLVRIGKHSRTRYERNIEKISM
LEKIYIHPRYNWRENLDRDIALMKLKKPVAFSDYIHPVCLPDRETAASLLQAGYKGRVTGWGNLKETWTANVGKGQPSVL
QVVNLPIVERPVCKDSTRIRITDNMFCAGYKPDEGKRGDACEGDSGGPFVMKSPFNNRWYQMGIVSWGEGCDRDGKYGFY
THVFRLKKWIQKVIDQFG
;
H
2 'polypeptide(L)' GDFEEIPEE(TYS)LQ I
3 'polypeptide(L)' EADCGLRPLFEKKSLEDKTERELLESYID L
#
# COMPACT_ATOMS: atom_id res chain seq x y z
N ILE A 1 -0.93 -8.99 6.79
CA ILE A 1 -2.22 -8.48 7.30
C ILE A 1 -2.76 -9.42 8.36
N VAL A 2 -3.09 -8.87 9.54
CA VAL A 2 -3.66 -9.61 10.66
C VAL A 2 -5.17 -9.45 10.65
N GLU A 3 -5.88 -10.57 10.73
CA GLU A 3 -7.32 -10.58 10.87
C GLU A 3 -8.03 -9.99 9.65
N GLY A 4 -7.42 -10.20 8.49
CA GLY A 4 -8.04 -9.88 7.22
C GLY A 4 -8.64 -11.09 6.54
N SER A 5 -8.91 -10.95 5.26
CA SER A 5 -9.44 -12.05 4.48
CA SER A 5 -9.47 -12.02 4.46
C SER A 5 -8.74 -12.10 3.12
N ASP A 6 -8.92 -13.20 2.41
CA ASP A 6 -8.37 -13.30 1.07
C ASP A 6 -9.01 -12.26 0.15
N ALA A 7 -8.19 -11.58 -0.62
CA ALA A 7 -8.70 -10.68 -1.65
C ALA A 7 -9.48 -11.45 -2.70
N GLU A 8 -10.46 -10.78 -3.31
CA GLU A 8 -11.07 -11.23 -4.54
C GLU A 8 -10.12 -11.01 -5.72
N ILE A 9 -10.29 -11.79 -6.78
CA ILE A 9 -9.50 -11.58 -7.99
C ILE A 9 -9.78 -10.18 -8.55
N GLY A 10 -8.74 -9.44 -8.82
CA GLY A 10 -8.84 -8.10 -9.37
C GLY A 10 -9.34 -7.05 -8.40
N MET A 11 -9.35 -7.35 -7.11
CA MET A 11 -9.87 -6.42 -6.11
C MET A 11 -9.00 -5.20 -5.89
N SER A 12 -7.70 -5.40 -6.06
CA SER A 12 -6.67 -4.38 -5.78
CA SER A 12 -6.69 -4.36 -5.81
C SER A 12 -5.68 -4.37 -6.94
N PRO A 13 -6.10 -3.95 -8.15
CA PRO A 13 -5.26 -4.16 -9.34
C PRO A 13 -4.08 -3.22 -9.42
N TRP A 14 -4.03 -2.28 -8.46
CA TRP A 14 -2.88 -1.41 -8.28
C TRP A 14 -1.85 -2.00 -7.31
N GLN A 15 -2.12 -3.14 -6.70
CA GLN A 15 -1.17 -3.65 -5.73
CA GLN A 15 -1.18 -3.76 -5.77
C GLN A 15 0.11 -4.12 -6.44
N VAL A 16 1.24 -3.79 -5.83
CA VAL A 16 2.55 -4.16 -6.35
C VAL A 16 3.31 -4.88 -5.26
N MET A 17 4.08 -5.91 -5.66
CA MET A 17 5.02 -6.57 -4.76
C MET A 17 6.42 -6.12 -5.09
N LEU A 18 7.13 -5.59 -4.08
CA LEU A 18 8.56 -5.30 -4.20
CA LEU A 18 8.56 -5.35 -4.21
C LEU A 18 9.31 -6.58 -3.86
N PHE A 19 10.14 -7.02 -4.78
CA PHE A 19 10.74 -8.34 -4.74
C PHE A 19 12.24 -8.23 -4.86
N ARG A 20 12.93 -8.85 -3.91
CA ARG A 20 14.38 -8.88 -3.94
C ARG A 20 14.84 -9.92 -4.94
N LYS A 21 15.82 -9.58 -5.76
CA LYS A 21 16.32 -10.52 -6.78
C LYS A 21 17.07 -11.69 -6.19
N SER A 22 17.89 -11.43 -5.18
CA SER A 22 18.77 -12.46 -4.66
C SER A 22 19.16 -12.13 -3.24
N PRO A 23 18.71 -12.94 -2.26
CA PRO A 23 17.81 -14.08 -2.46
C PRO A 23 16.42 -13.61 -2.90
N GLN A 24 15.71 -14.47 -3.62
CA GLN A 24 14.38 -14.13 -4.10
C GLN A 24 13.41 -14.12 -2.92
N GLU A 25 12.89 -12.94 -2.56
CA GLU A 25 11.98 -12.83 -1.42
C GLU A 25 11.13 -11.55 -1.47
N LEU A 26 10.00 -11.57 -0.76
CA LEU A 26 9.16 -10.38 -0.61
C LEU A 26 9.89 -9.37 0.23
N LEU A 27 9.97 -8.13 -0.24
CA LEU A 27 10.50 -7.03 0.55
C LEU A 27 9.43 -6.13 1.13
N CYS A 28 8.39 -5.82 0.38
CA CYS A 28 7.43 -4.78 0.76
C CYS A 28 6.31 -4.82 -0.24
N GLY A 29 5.22 -4.15 0.12
CA GLY A 29 4.20 -3.74 -0.82
C GLY A 29 4.55 -2.43 -1.49
N ALA A 30 3.69 -2.06 -2.42
CA ALA A 30 3.81 -0.88 -3.25
C ALA A 30 2.50 -0.72 -4.03
N SER A 31 2.38 0.35 -4.80
CA SER A 31 1.17 0.58 -5.59
C SER A 31 1.50 1.21 -6.94
N LEU A 32 0.66 0.90 -7.91
CA LEU A 32 0.78 1.39 -9.26
C LEU A 32 -0.03 2.67 -9.42
N ILE A 33 0.66 3.76 -9.77
CA ILE A 33 0.01 5.04 -9.95
C ILE A 33 -0.06 5.52 -11.41
N SER A 34 0.66 4.86 -12.31
CA SER A 34 0.55 5.09 -13.76
C SER A 34 1.25 3.91 -14.42
N ASP A 35 1.36 3.93 -15.75
CA ASP A 35 2.01 2.82 -16.43
C ASP A 35 3.52 2.75 -16.20
N ARG A 36 4.10 3.78 -15.59
CA ARG A 36 5.55 3.86 -15.42
C ARG A 36 6.01 4.15 -13.98
N TRP A 37 5.07 4.41 -13.08
CA TRP A 37 5.42 4.87 -11.74
C TRP A 37 4.76 4.03 -10.66
N VAL A 38 5.56 3.67 -9.66
CA VAL A 38 5.16 2.89 -8.50
C VAL A 38 5.52 3.65 -7.23
N LEU A 39 4.57 3.68 -6.31
CA LEU A 39 4.70 4.38 -5.03
C LEU A 39 4.95 3.35 -3.92
N THR A 40 5.86 3.66 -2.99
CA THR A 40 6.09 2.79 -1.85
C THR A 40 6.55 3.64 -0.67
N ALA A 41 6.91 2.96 0.42
CA ALA A 41 7.48 3.62 1.60
C ALA A 41 8.99 3.74 1.41
N ALA A 42 9.54 4.90 1.76
CA ALA A 42 10.98 5.06 1.72
C ALA A 42 11.73 4.00 2.53
N HIS A 43 11.19 3.60 3.69
CA HIS A 43 11.94 2.65 4.53
C HIS A 43 12.05 1.27 3.90
N CYS A 44 11.25 1.00 2.87
CA CYS A 44 11.37 -0.24 2.12
C CYS A 44 12.66 -0.28 1.30
N LEU A 45 13.21 0.89 1.01
CA LEU A 45 14.38 1.01 0.16
C LEU A 45 15.60 1.48 0.93
N LEU A 46 15.39 2.29 1.97
CA LEU A 46 16.49 2.93 2.69
C LEU A 46 16.19 2.92 4.17
N TYR A 47 16.98 2.17 4.93
CA TYR A 47 16.82 2.13 6.37
C TYR A 47 18.17 1.76 6.98
N PRO A 48 19.04 2.77 7.17
CA PRO A 48 20.41 2.53 7.66
C PRO A 48 20.50 1.79 8.99
N PRO A 49 19.57 1.92 9.93
CA PRO A 49 19.71 1.16 11.17
C PRO A 49 19.75 -0.35 10.95
N TRP A 50 19.19 -0.81 9.82
CA TRP A 50 19.17 -2.23 9.46
C TRP A 50 20.08 -2.52 8.29
N ASP A 51 20.98 -1.59 7.96
CA ASP A 51 21.92 -1.79 6.88
C ASP A 51 21.19 -1.98 5.54
N LYS A 52 20.05 -1.31 5.37
CA LYS A 52 19.26 -1.41 4.15
C LYS A 52 19.46 -0.17 3.29
N ASN A 53 19.92 -0.39 2.07
CA ASN A 53 20.08 0.70 1.11
C ASN A 53 20.10 0.11 -0.27
N PHE A 54 18.93 -0.18 -0.81
CA PHE A 54 18.84 -0.88 -2.07
C PHE A 54 19.13 0.02 -3.25
N THR A 55 19.74 -0.55 -4.28
CA THR A 55 19.89 0.12 -5.56
C THR A 55 18.87 -0.46 -6.54
N GLU A 56 18.68 0.22 -7.67
CA GLU A 56 17.70 -0.22 -8.66
C GLU A 56 17.89 -1.66 -9.08
N ASN A 57 19.13 -2.09 -9.24
CA ASN A 57 19.39 -3.41 -9.77
C ASN A 57 19.19 -4.54 -8.77
N ASP A 58 18.97 -4.17 -7.52
CA ASP A 58 18.74 -5.17 -6.49
C ASP A 58 17.32 -5.71 -6.53
N LEU A 59 16.43 -5.01 -7.24
CA LEU A 59 14.99 -5.14 -7.02
C LEU A 59 14.22 -5.39 -8.29
N LEU A 60 13.05 -6.02 -8.13
CA LEU A 60 12.04 -6.07 -9.18
C LEU A 60 10.71 -5.68 -8.58
N VAL A 61 9.77 -5.29 -9.44
CA VAL A 61 8.39 -5.15 -8.99
C VAL A 61 7.54 -6.16 -9.75
N ARG A 62 6.59 -6.75 -9.05
CA ARG A 62 5.70 -7.76 -9.61
C ARG A 62 4.28 -7.21 -9.48
N ILE A 63 3.60 -7.08 -10.62
CA ILE A 63 2.35 -6.35 -10.72
C ILE A 63 1.28 -7.34 -11.22
N GLY A 64 0.04 -7.19 -10.75
CA GLY A 64 -1.01 -8.10 -11.15
C GLY A 64 -1.12 -9.38 -10.34
N LYS A 65 -0.45 -9.46 -9.19
CA LYS A 65 -0.39 -10.70 -8.45
C LYS A 65 -1.58 -10.90 -7.53
N HIS A 66 -1.79 -12.17 -7.23
CA HIS A 66 -2.77 -12.60 -6.25
C HIS A 66 -2.08 -13.59 -5.29
N SER A 67 -1.62 -14.72 -5.81
CA SER A 67 -0.77 -15.61 -5.01
C SER A 67 0.49 -14.92 -4.51
N ARG A 68 0.87 -15.17 -3.26
CA ARG A 68 2.13 -14.65 -2.71
C ARG A 68 3.33 -15.26 -3.39
N THR A 69 3.38 -16.60 -3.42
CA THR A 69 4.64 -17.27 -3.75
C THR A 69 4.75 -17.80 -5.17
N ARG A 70 3.63 -17.99 -5.86
N ARG A 70 3.59 -17.94 -5.85
CA ARG A 70 3.72 -18.67 -7.13
CA ARG A 70 3.55 -18.52 -7.19
C ARG A 70 3.91 -17.66 -8.27
C ARG A 70 4.03 -17.54 -8.25
N TYR A 71 4.63 -18.08 -9.31
CA TYR A 71 4.82 -17.28 -10.53
C TYR A 71 3.53 -17.36 -11.35
N GLU A 72 2.79 -16.25 -11.45
CA GLU A 72 1.45 -16.28 -12.01
C GLU A 72 1.51 -16.00 -13.51
N ARG A 73 1.89 -17.07 -14.22
CA ARG A 73 2.10 -17.06 -15.63
C ARG A 73 0.86 -16.54 -16.34
N ASN A 74 1.10 -15.64 -17.29
CA ASN A 74 0.08 -15.01 -18.14
C ASN A 74 -0.80 -13.99 -17.41
N ILE A 75 -0.48 -13.69 -16.16
CA ILE A 75 -1.28 -12.77 -15.35
C ILE A 75 -0.38 -11.68 -14.77
N GLU A 76 0.59 -12.04 -13.94
CA GLU A 76 1.48 -11.03 -13.39
C GLU A 76 2.46 -10.54 -14.45
N LYS A 77 2.98 -9.33 -14.22
CA LYS A 77 4.04 -8.77 -15.05
C LYS A 77 5.14 -8.30 -14.11
N ILE A 78 6.36 -8.59 -14.53
CA ILE A 78 7.54 -8.28 -13.73
C ILE A 78 8.33 -7.18 -14.43
N SER A 79 8.62 -6.12 -13.69
CA SER A 79 9.25 -4.92 -14.25
C SER A 79 10.57 -4.63 -13.52
N MET A 80 11.54 -4.15 -14.30
CA MET A 80 12.80 -3.66 -13.74
C MET A 80 12.68 -2.18 -13.44
N LEU A 81 13.52 -1.70 -12.54
CA LEU A 81 13.49 -0.31 -12.11
CA LEU A 81 13.49 -0.31 -12.14
C LEU A 81 14.51 0.52 -12.90
N GLU A 82 14.05 1.65 -13.42
CA GLU A 82 14.96 2.63 -14.00
C GLU A 82 15.59 3.48 -12.90
N LYS A 83 14.79 3.98 -11.96
CA LYS A 83 15.31 4.90 -10.95
C LYS A 83 14.43 4.94 -9.72
N ILE A 84 15.07 5.02 -8.56
CA ILE A 84 14.43 5.23 -7.27
C ILE A 84 14.57 6.69 -6.86
N TYR A 85 13.49 7.25 -6.31
CA TYR A 85 13.47 8.60 -5.77
C TYR A 85 12.91 8.54 -4.37
N ILE A 86 13.73 8.91 -3.41
CA ILE A 86 13.38 8.94 -1.98
CA ILE A 86 13.32 8.96 -2.02
C ILE A 86 13.09 10.41 -1.61
N HIS A 87 12.05 10.65 -0.82
CA HIS A 87 11.81 12.01 -0.37
C HIS A 87 13.08 12.57 0.29
N PRO A 88 13.49 13.80 -0.07
CA PRO A 88 14.76 14.33 0.45
C PRO A 88 14.74 14.62 1.93
N ARG A 89 13.55 14.71 2.52
CA ARG A 89 13.41 14.94 3.95
C ARG A 89 12.82 13.74 4.69
N TYR A 90 12.89 12.55 4.08
CA TYR A 90 12.57 11.31 4.78
C TYR A 90 13.45 11.18 6.03
N ASN A 91 12.80 11.00 7.17
CA ASN A 91 13.51 10.95 8.45
C ASN A 91 13.66 9.53 8.96
N TRP A 92 14.69 8.85 8.48
CA TRP A 92 14.98 7.50 8.95
C TRP A 92 15.64 7.50 10.31
N ARG A 93 16.16 8.64 10.73
CA ARG A 93 16.88 8.72 11.98
CA ARG A 93 16.89 8.73 11.98
C ARG A 93 15.98 8.62 13.19
N GLU A 94 14.77 9.18 13.09
CA GLU A 94 13.90 9.33 14.25
C GLU A 94 12.58 8.57 14.16
N ASN A 95 11.67 9.01 13.30
CA ASN A 95 10.29 8.54 13.38
C ASN A 95 9.68 8.18 12.02
N LEU A 96 10.49 8.04 10.97
CA LEU A 96 10.00 7.75 9.63
C LEU A 96 9.10 8.86 9.11
N ASP A 97 9.29 10.11 9.53
CA ASP A 97 8.56 11.21 8.91
C ASP A 97 8.83 11.24 7.39
N ARG A 98 7.77 11.49 6.63
CA ARG A 98 7.85 11.57 5.17
C ARG A 98 8.33 10.25 4.55
N ASP A 99 7.67 9.18 4.97
CA ASP A 99 8.06 7.81 4.57
C ASP A 99 7.46 7.48 3.20
N ILE A 100 8.12 7.99 2.15
CA ILE A 100 7.57 7.91 0.78
C ILE A 100 8.70 7.86 -0.23
N ALA A 101 8.49 7.05 -1.26
CA ALA A 101 9.45 6.91 -2.36
C ALA A 101 8.68 6.55 -3.61
N LEU A 102 9.29 6.92 -4.73
CA LEU A 102 8.78 6.58 -6.05
C LEU A 102 9.81 5.73 -6.77
N MET A 103 9.30 4.83 -7.62
CA MET A 103 10.14 4.02 -8.49
C MET A 103 9.61 4.17 -9.91
N LYS A 104 10.49 4.58 -10.83
CA LYS A 104 10.17 4.63 -12.23
C LYS A 104 10.57 3.32 -12.89
N LEU A 105 9.65 2.74 -13.65
CA LEU A 105 9.91 1.48 -14.35
C LEU A 105 10.68 1.71 -15.63
N LYS A 106 11.48 0.71 -16.02
CA LYS A 106 12.23 0.82 -17.25
C LYS A 106 11.34 0.90 -18.48
N LYS A 107 10.21 0.18 -18.46
CA LYS A 107 9.28 0.18 -19.60
C LYS A 107 7.87 0.29 -19.02
N PRO A 108 6.92 0.84 -19.78
CA PRO A 108 5.55 0.87 -19.27
C PRO A 108 4.97 -0.54 -19.10
N VAL A 109 4.14 -0.72 -18.08
CA VAL A 109 3.43 -1.98 -17.88
C VAL A 109 2.10 -1.91 -18.62
N ALA A 110 1.70 -3.03 -19.23
CA ALA A 110 0.41 -3.10 -19.90
C ALA A 110 -0.69 -3.31 -18.88
N PHE A 111 -1.73 -2.48 -18.97
CA PHE A 111 -2.88 -2.65 -18.10
C PHE A 111 -3.71 -3.86 -18.55
N SER A 112 -4.46 -4.42 -17.62
CA SER A 112 -5.26 -5.62 -17.89
C SER A 112 -6.37 -5.69 -16.82
N ASP A 113 -7.10 -6.80 -16.81
CA ASP A 113 -8.10 -6.98 -15.74
C ASP A 113 -7.47 -6.97 -14.35
N TYR A 114 -6.18 -7.29 -14.28
CA TYR A 114 -5.45 -7.50 -13.03
C TYR A 114 -4.50 -6.37 -12.67
N ILE A 115 -4.30 -5.44 -13.60
CA ILE A 115 -3.28 -4.39 -13.49
C ILE A 115 -3.92 -3.07 -13.90
N HIS A 116 -4.03 -2.14 -12.95
CA HIS A 116 -4.71 -0.88 -13.22
C HIS A 116 -4.31 0.10 -12.15
N PRO A 117 -4.05 1.38 -12.48
CA PRO A 117 -3.58 2.33 -11.45
C PRO A 117 -4.66 2.84 -10.52
N VAL A 118 -4.22 3.17 -9.30
CA VAL A 118 -5.06 3.84 -8.31
C VAL A 118 -4.97 5.36 -8.51
N CYS A 119 -5.96 6.12 -8.05
CA CYS A 119 -5.87 7.56 -8.08
C CYS A 119 -5.12 8.10 -6.85
N LEU A 120 -4.43 9.21 -7.03
CA LEU A 120 -3.90 9.98 -5.93
C LEU A 120 -4.91 11.08 -5.57
N PRO A 121 -5.09 11.39 -4.28
CA PRO A 121 -6.12 12.33 -3.88
C PRO A 121 -5.80 13.76 -4.24
N ASP A 122 -6.85 14.48 -4.60
CA ASP A 122 -6.86 15.94 -4.64
C ASP A 122 -7.15 16.45 -3.23
N ARG A 123 -6.97 17.76 -3.03
CA ARG A 123 -7.13 18.36 -1.70
C ARG A 123 -8.54 18.13 -1.15
N GLU A 124 -9.53 18.24 -2.02
CA GLU A 124 -10.93 18.16 -1.60
C GLU A 124 -11.34 16.74 -1.18
N THR A 125 -10.96 15.76 -1.97
CA THR A 125 -11.23 14.38 -1.60
C THR A 125 -10.50 14.04 -0.29
N ALA A 126 -9.26 14.48 -0.12
CA ALA A 126 -8.55 14.24 1.12
C ALA A 126 -9.24 14.90 2.32
N ALA A 127 -9.65 16.16 2.17
CA ALA A 127 -10.30 16.84 3.26
C ALA A 127 -11.61 16.15 3.63
N SER A 128 -12.34 15.68 2.62
CA SER A 128 -13.64 15.06 2.86
CA SER A 128 -13.64 15.06 2.83
C SER A 128 -13.53 13.69 3.51
N LEU A 129 -12.54 12.91 3.11
CA LEU A 129 -12.49 11.52 3.52
C LEU A 129 -11.56 11.22 4.68
N LEU A 130 -10.56 12.06 4.94
CA LEU A 130 -9.63 11.77 6.05
C LEU A 130 -10.16 12.25 7.37
N GLN A 131 -11.17 11.54 7.84
CA GLN A 131 -11.91 11.89 9.03
C GLN A 131 -11.94 10.68 9.94
N ALA A 132 -11.84 10.92 11.24
CA ALA A 132 -11.92 9.83 12.22
C ALA A 132 -13.21 9.07 12.03
N GLY A 133 -13.08 7.74 12.05
CA GLY A 133 -14.19 6.83 11.88
C GLY A 133 -14.39 6.36 10.44
N TYR A 134 -13.96 7.16 9.48
CA TYR A 134 -14.08 6.76 8.09
C TYR A 134 -13.08 5.63 7.82
N LYS A 135 -13.52 4.60 7.12
CA LYS A 135 -12.67 3.43 6.89
C LYS A 135 -11.97 3.46 5.55
N GLY A 136 -10.73 2.97 5.57
CA GLY A 136 -10.02 2.63 4.37
C GLY A 136 -9.67 1.16 4.38
N ARG A 137 -8.94 0.77 3.34
CA ARG A 137 -8.63 -0.61 3.06
C ARG A 137 -7.14 -0.76 2.87
N VAL A 138 -6.58 -1.78 3.53
CA VAL A 138 -5.16 -2.08 3.46
C VAL A 138 -5.02 -3.49 2.92
N THR A 139 -4.06 -3.65 2.03
CA THR A 139 -3.82 -4.92 1.36
C THR A 139 -2.34 -5.28 1.38
N GLY A 140 -2.05 -6.58 1.43
CA GLY A 140 -0.68 -6.99 1.33
C GLY A 140 -0.49 -8.47 1.55
N TRP A 141 0.76 -8.88 1.38
CA TRP A 141 1.18 -10.27 1.54
C TRP A 141 2.04 -10.47 2.78
N GLY A 142 1.99 -9.53 3.71
CA GLY A 142 2.77 -9.63 4.92
C GLY A 142 2.20 -10.66 5.89
N ASN A 143 2.89 -10.77 7.03
CA ASN A 143 2.59 -11.82 7.98
C ASN A 143 1.17 -11.71 8.54
N LEU A 144 0.63 -12.87 8.89
CA LEU A 144 -0.72 -12.99 9.40
C LEU A 144 -0.83 -12.74 10.91
N LYS A 145 0.30 -12.72 11.62
CA LYS A 145 0.34 -12.39 13.04
C LYS A 145 1.72 -11.87 13.38
N GLU A 146 1.81 -11.17 14.50
CA GLU A 146 3.07 -10.56 14.93
C GLU A 146 4.12 -11.63 15.19
N THR A 147 3.69 -12.72 15.81
CA THR A 147 4.58 -13.82 16.19
C THR A 147 4.03 -15.14 15.66
N GLY A 155 1.26 -18.43 9.54
CA GLY A 155 2.17 -17.30 9.60
C GLY A 155 2.16 -16.40 8.38
N GLN A 156 2.20 -16.99 7.19
CA GLN A 156 2.25 -16.22 5.94
C GLN A 156 1.13 -16.64 5.00
N PRO A 157 0.57 -15.68 4.24
CA PRO A 157 -0.63 -16.03 3.46
C PRO A 157 -0.36 -16.71 2.11
N SER A 158 -1.30 -17.54 1.67
CA SER A 158 -1.26 -18.05 0.31
C SER A 158 -1.53 -16.98 -0.73
N VAL A 159 -2.50 -16.09 -0.46
CA VAL A 159 -2.88 -15.07 -1.43
C VAL A 159 -2.98 -13.70 -0.73
N LEU A 160 -3.06 -12.66 -1.54
CA LEU A 160 -3.20 -11.30 -1.07
C LEU A 160 -4.31 -11.20 -0.03
N GLN A 161 -4.02 -10.48 1.07
CA GLN A 161 -4.97 -10.26 2.15
C GLN A 161 -5.47 -8.82 2.13
N VAL A 162 -6.67 -8.64 2.67
CA VAL A 162 -7.34 -7.35 2.70
CA VAL A 162 -7.38 -7.37 2.69
C VAL A 162 -8.00 -7.16 4.07
N VAL A 163 -7.93 -5.94 4.58
CA VAL A 163 -8.63 -5.58 5.80
C VAL A 163 -9.09 -4.13 5.68
N ASN A 164 -10.29 -3.85 6.18
CA ASN A 164 -10.83 -2.50 6.24
C ASN A 164 -10.68 -1.98 7.67
N LEU A 165 -10.19 -0.76 7.83
CA LEU A 165 -9.85 -0.21 9.14
C LEU A 165 -10.25 1.25 9.22
N PRO A 166 -10.76 1.69 10.38
CA PRO A 166 -11.15 3.09 10.54
C PRO A 166 -9.97 4.00 10.88
N ILE A 167 -9.97 5.19 10.29
CA ILE A 167 -9.06 6.26 10.68
C ILE A 167 -9.36 6.63 12.14
N VAL A 168 -8.30 6.95 12.88
CA VAL A 168 -8.40 7.24 14.30
C VAL A 168 -8.12 8.72 14.56
N GLU A 169 -8.80 9.26 15.57
CA GLU A 169 -8.62 10.62 16.00
C GLU A 169 -7.14 10.88 16.33
N ARG A 170 -6.61 12.03 15.91
CA ARG A 170 -5.20 12.30 16.12
C ARG A 170 -4.74 12.23 17.57
N PRO A 171 -5.52 12.75 18.55
CA PRO A 171 -5.05 12.64 19.94
C PRO A 171 -4.92 11.20 20.40
N VAL A 172 -5.81 10.32 19.92
CA VAL A 172 -5.74 8.91 20.29
C VAL A 172 -4.50 8.28 19.66
N CYS A 173 -4.22 8.61 18.39
CA CYS A 173 -2.99 8.13 17.78
C CYS A 173 -1.78 8.54 18.63
N LYS A 174 -1.70 9.82 18.97
CA LYS A 174 -0.55 10.32 19.70
CA LYS A 174 -0.58 10.39 19.72
C LYS A 174 -0.42 9.67 21.08
N ASP A 175 -1.55 9.47 21.76
CA ASP A 175 -1.55 8.94 23.12
C ASP A 175 -1.29 7.45 23.18
N SER A 176 -1.18 6.78 22.02
CA SER A 176 -0.96 5.35 21.95
C SER A 176 0.54 4.97 21.92
N THR A 177 1.42 5.97 21.82
CA THR A 177 2.80 5.72 21.50
C THR A 177 3.67 6.78 22.13
N ARG A 178 4.96 6.45 22.29
CA ARG A 178 5.98 7.43 22.69
C ARG A 178 6.64 8.11 21.49
N ILE A 179 6.42 7.59 20.29
CA ILE A 179 7.01 8.16 19.11
C ILE A 179 6.33 9.48 18.79
N ARG A 180 7.11 10.42 18.27
CA ARG A 180 6.59 11.73 17.86
C ARG A 180 5.84 11.57 16.53
N ILE A 181 4.56 11.89 16.57
CA ILE A 181 3.70 11.77 15.39
C ILE A 181 3.64 13.12 14.68
N THR A 182 3.75 13.13 13.37
CA THR A 182 3.76 14.36 12.59
C THR A 182 2.52 14.48 11.72
N ASP A 183 2.35 15.66 11.14
CA ASP A 183 1.25 15.91 10.21
C ASP A 183 1.35 15.07 8.93
N ASN A 184 2.53 14.48 8.69
CA ASN A 184 2.72 13.63 7.52
C ASN A 184 2.34 12.18 7.77
N MET A 185 1.69 11.90 8.88
CA MET A 185 1.22 10.58 9.29
C MET A 185 -0.23 10.66 9.69
N PHE A 186 -0.95 9.55 9.51
CA PHE A 186 -2.22 9.34 10.21
C PHE A 186 -2.22 7.91 10.73
N CYS A 187 -3.13 7.61 11.66
CA CYS A 187 -3.22 6.23 12.14
C CYS A 187 -4.61 5.66 11.98
N ALA A 188 -4.68 4.33 11.95
CA ALA A 188 -5.92 3.63 11.69
C ALA A 188 -5.91 2.32 12.44
N GLY A 189 -7.11 1.83 12.72
CA GLY A 189 -7.31 0.60 13.47
C GLY A 189 -8.45 0.72 14.43
N TYR A 190 -8.92 -0.42 14.92
CA TYR A 190 -9.98 -0.44 15.90
C TYR A 190 -9.42 -0.22 17.31
N LYS A 191 -10.24 0.35 18.18
CA LYS A 191 -9.91 0.54 19.57
CA LYS A 191 -9.92 0.55 19.57
C LYS A 191 -10.20 -0.75 20.33
N PRO A 192 -9.56 -0.94 21.49
CA PRO A 192 -9.78 -2.17 22.25
C PRO A 192 -11.25 -2.47 22.54
N ASP A 193 -12.05 -1.44 22.77
CA ASP A 193 -13.46 -1.66 23.11
C ASP A 193 -14.37 -1.79 21.88
N GLU A 194 -13.80 -1.69 20.68
CA GLU A 194 -14.61 -1.76 19.47
C GLU A 194 -14.88 -3.19 19.00
N GLY A 195 -14.23 -4.17 19.62
CA GLY A 195 -14.48 -5.57 19.26
C GLY A 195 -13.68 -6.04 18.04
N LYS A 196 -13.95 -5.47 16.86
CA LYS A 196 -13.29 -5.88 15.63
C LYS A 196 -11.82 -5.58 15.77
N ARG A 197 -11.01 -6.24 14.96
CA ARG A 197 -9.59 -5.97 14.99
C ARG A 197 -8.99 -6.06 13.59
N GLY A 198 -7.67 -6.05 13.50
CA GLY A 198 -7.01 -6.04 12.20
C GLY A 198 -5.90 -5.00 12.14
N ASP A 199 -4.88 -5.32 11.34
CA ASP A 199 -3.72 -4.44 11.17
C ASP A 199 -2.89 -4.92 10.01
N ALA A 200 -2.01 -4.05 9.54
CA ALA A 200 -0.88 -4.45 8.72
C ALA A 200 0.14 -5.21 9.60
N CYS A 201 1.10 -5.86 8.96
CA CYS A 201 2.19 -6.51 9.67
C CYS A 201 3.42 -6.58 8.80
N GLU A 202 4.46 -7.27 9.26
CA GLU A 202 5.73 -7.30 8.55
C GLU A 202 5.56 -7.83 7.12
N GLY A 203 6.04 -7.08 6.15
CA GLY A 203 5.90 -7.39 4.72
C GLY A 203 4.79 -6.61 4.03
N ASP A 204 3.90 -5.98 4.81
CA ASP A 204 2.86 -5.13 4.24
C ASP A 204 3.31 -3.69 4.01
N SER A 205 4.39 -3.26 4.67
N SER A 205 4.40 -3.27 4.67
CA SER A 205 4.75 -1.87 4.54
CA SER A 205 4.92 -1.91 4.51
C SER A 205 5.12 -1.51 3.11
C SER A 205 5.03 -1.55 3.05
N GLY A 206 4.80 -0.27 2.78
CA GLY A 206 4.89 0.23 1.44
C GLY A 206 3.63 0.09 0.62
N GLY A 207 2.73 -0.80 1.02
CA GLY A 207 1.49 -0.97 0.31
C GLY A 207 0.47 0.13 0.63
N PRO A 208 -0.68 0.06 -0.05
CA PRO A 208 -1.62 1.18 -0.01
C PRO A 208 -2.72 1.06 1.03
N PHE A 209 -3.11 2.22 1.56
CA PHE A 209 -4.35 2.43 2.30
C PHE A 209 -5.24 3.23 1.36
N VAL A 210 -6.33 2.61 0.90
CA VAL A 210 -7.19 3.20 -0.11
C VAL A 210 -8.59 3.43 0.44
N MET A 211 -9.28 4.40 -0.17
CA MET A 211 -10.66 4.74 0.16
C MET A 211 -11.42 4.91 -1.16
N LYS A 212 -12.69 4.47 -1.17
CA LYS A 212 -13.50 4.61 -2.39
C LYS A 212 -14.34 5.86 -2.26
N SER A 213 -14.08 6.86 -3.10
CA SER A 213 -14.83 8.10 -2.99
C SER A 213 -16.31 7.86 -3.24
N PRO A 214 -17.18 8.33 -2.33
CA PRO A 214 -18.62 8.20 -2.57
C PRO A 214 -19.15 9.26 -3.57
N PHE A 215 -18.29 10.21 -3.92
CA PHE A 215 -18.65 11.27 -4.86
C PHE A 215 -18.50 10.83 -6.30
N ASN A 216 -17.42 10.11 -6.61
CA ASN A 216 -17.14 9.74 -8.01
C ASN A 216 -16.86 8.26 -8.20
N ASN A 217 -16.98 7.46 -7.15
CA ASN A 217 -16.86 6.02 -7.20
C ASN A 217 -15.50 5.51 -7.66
N ARG A 218 -14.46 6.32 -7.45
CA ARG A 218 -13.08 5.94 -7.72
C ARG A 218 -12.33 5.65 -6.43
N TRP A 219 -11.38 4.73 -6.53
CA TRP A 219 -10.46 4.46 -5.45
C TRP A 219 -9.25 5.39 -5.45
N TYR A 220 -9.00 5.93 -4.25
CA TYR A 220 -7.92 6.86 -3.97
C TYR A 220 -6.98 6.28 -2.94
N GLN A 221 -5.68 6.46 -3.16
CA GLN A 221 -4.69 6.06 -2.17
C GLN A 221 -4.39 7.21 -1.23
N MET A 222 -4.93 7.10 -0.01
CA MET A 222 -4.76 8.11 1.01
C MET A 222 -3.50 7.90 1.85
N GLY A 223 -3.06 6.66 1.99
CA GLY A 223 -1.94 6.35 2.86
C GLY A 223 -1.01 5.32 2.26
N ILE A 224 0.18 5.24 2.86
CA ILE A 224 1.14 4.18 2.61
C ILE A 224 1.40 3.50 3.94
N VAL A 225 1.35 2.17 3.98
CA VAL A 225 1.67 1.43 5.21
C VAL A 225 3.09 1.80 5.63
N SER A 226 3.24 2.39 6.82
CA SER A 226 4.53 2.94 7.24
C SER A 226 5.10 2.23 8.45
N TRP A 227 4.42 2.21 9.59
CA TRP A 227 5.02 1.60 10.78
C TRP A 227 3.96 1.26 11.81
N GLY A 228 4.32 0.34 12.70
CA GLY A 228 3.50 0.01 13.82
C GLY A 228 4.41 -0.57 14.91
N GLU A 229 3.91 -0.63 16.13
CA GLU A 229 4.59 -1.25 17.24
C GLU A 229 3.96 -2.62 17.45
N GLY A 230 4.63 -3.63 16.94
CA GLY A 230 4.02 -4.94 16.82
C GLY A 230 2.97 -4.96 15.73
N CYS A 231 2.06 -5.91 15.80
CA CYS A 231 0.93 -5.98 14.85
C CYS A 231 -0.34 -6.35 15.58
N ASP A 232 -1.40 -5.59 15.34
CA ASP A 232 -2.72 -5.85 15.89
C ASP A 232 -2.70 -5.94 17.42
N ARG A 233 -1.87 -5.15 18.08
CA ARG A 233 -1.91 -5.10 19.56
C ARG A 233 -3.06 -4.22 20.02
N ASP A 234 -3.69 -4.61 21.13
CA ASP A 234 -4.72 -3.77 21.71
C ASP A 234 -4.10 -2.43 22.16
N GLY A 235 -4.75 -1.34 21.78
CA GLY A 235 -4.31 -0.03 22.17
C GLY A 235 -3.23 0.57 21.30
N LYS A 236 -2.73 -0.20 20.35
CA LYS A 236 -1.80 0.31 19.34
C LYS A 236 -2.56 0.46 18.01
N TYR A 237 -2.00 1.25 17.11
CA TYR A 237 -2.57 1.54 15.81
C TYR A 237 -1.50 1.44 14.74
N GLY A 238 -1.92 1.26 13.49
CA GLY A 238 -0.99 1.34 12.40
C GLY A 238 -0.84 2.78 11.95
N PHE A 239 0.38 3.16 11.55
CA PHE A 239 0.68 4.49 11.06
C PHE A 239 1.00 4.45 9.58
N TYR A 240 0.44 5.45 8.89
CA TYR A 240 0.40 5.52 7.43
C TYR A 240 0.93 6.88 7.00
N THR A 241 1.74 6.89 5.94
CA THR A 241 2.17 8.12 5.31
C THR A 241 1.00 8.85 4.70
N HIS A 242 0.86 10.15 4.99
CA HIS A 242 -0.25 10.98 4.50
C HIS A 242 0.08 11.40 3.06
N VAL A 243 -0.46 10.66 2.10
CA VAL A 243 -0.09 10.86 0.71
C VAL A 243 -0.39 12.27 0.20
N PHE A 244 -1.59 12.79 0.50
CA PHE A 244 -1.91 14.11 0.02
C PHE A 244 -0.93 15.15 0.51
N ARG A 245 -0.51 15.06 1.77
CA ARG A 245 0.42 16.05 2.30
C ARG A 245 1.73 16.09 1.54
N LEU A 246 2.09 14.98 0.91
CA LEU A 246 3.37 14.85 0.21
C LEU A 246 3.19 14.89 -1.32
N LYS A 247 1.98 15.22 -1.77
CA LYS A 247 1.70 15.12 -3.19
C LYS A 247 2.49 16.14 -4.01
N LYS A 248 2.83 17.31 -3.45
CA LYS A 248 3.62 18.27 -4.23
C LYS A 248 4.99 17.67 -4.59
N TRP A 249 5.57 16.90 -3.68
CA TRP A 249 6.84 16.24 -3.96
C TRP A 249 6.63 15.19 -5.07
N ILE A 250 5.55 14.40 -4.96
CA ILE A 250 5.27 13.40 -5.98
C ILE A 250 5.17 14.03 -7.35
N GLN A 251 4.43 15.12 -7.43
CA GLN A 251 4.20 15.80 -8.70
C GLN A 251 5.50 16.39 -9.24
N LYS A 252 6.32 16.95 -8.35
CA LYS A 252 7.61 17.51 -8.76
C LYS A 252 8.49 16.43 -9.38
N VAL A 253 8.54 15.25 -8.77
CA VAL A 253 9.35 14.17 -9.30
C VAL A 253 8.83 13.73 -10.66
N ILE A 254 7.53 13.51 -10.76
CA ILE A 254 6.97 13.03 -12.02
C ILE A 254 7.11 14.08 -13.13
N ASP A 255 6.92 15.35 -12.78
CA ASP A 255 7.06 16.43 -13.77
C ASP A 255 8.48 16.53 -14.31
N GLN A 256 9.46 16.33 -13.43
CA GLN A 256 10.87 16.51 -13.77
C GLN A 256 11.43 15.28 -14.50
N PHE A 257 11.01 14.10 -14.09
CA PHE A 257 11.69 12.88 -14.53
C PHE A 257 10.81 11.98 -15.36
N GLY A 258 9.62 12.24 -15.52
N GLY B 1 13.60 -20.49 -1.07
CA GLY B 1 12.91 -21.70 -1.54
C GLY B 1 11.42 -21.55 -1.42
N ASP B 2 10.98 -20.54 -0.69
CA ASP B 2 9.55 -20.30 -0.48
C ASP B 2 8.85 -19.87 -1.77
N PHE B 3 9.53 -19.08 -2.57
CA PHE B 3 8.96 -18.53 -3.79
C PHE B 3 9.29 -19.37 -5.02
N GLU B 4 8.31 -19.55 -5.90
CA GLU B 4 8.54 -20.19 -7.18
C GLU B 4 9.53 -19.35 -7.98
N GLU B 5 10.47 -20.02 -8.65
CA GLU B 5 11.46 -19.33 -9.46
C GLU B 5 10.76 -18.51 -10.53
N ILE B 6 11.25 -17.29 -10.75
CA ILE B 6 10.69 -16.48 -11.82
C ILE B 6 11.53 -16.69 -13.06
N PRO B 7 10.97 -16.39 -14.24
CA PRO B 7 11.72 -16.61 -15.49
C PRO B 7 13.04 -15.86 -15.49
N GLU B 8 14.07 -16.52 -16.01
CA GLU B 8 15.42 -15.98 -15.98
C GLU B 8 15.54 -14.65 -16.71
N GLU B 9 14.67 -14.40 -17.67
CA GLU B 9 14.69 -13.14 -18.41
C GLU B 9 14.62 -11.91 -17.47
N LEU B 11 15.90 -11.67 -14.53
CA LEU B 11 17.08 -11.57 -13.67
C LEU B 11 18.33 -11.18 -14.48
N GLN B 12 18.21 -11.16 -15.80
CA GLN B 12 19.38 -10.87 -16.63
C GLN B 12 19.68 -9.38 -16.66
N GLU C 1 -3.83 9.00 -13.89
CA GLU C 1 -4.49 8.90 -15.18
C GLU C 1 -6.00 9.15 -15.14
N ALA C 2 -6.54 9.48 -16.32
CA ALA C 2 -7.97 9.76 -16.49
C ALA C 2 -8.85 8.61 -16.00
N ASP C 3 -8.38 7.38 -16.16
CA ASP C 3 -9.15 6.21 -15.80
C ASP C 3 -8.75 5.59 -14.45
N CYS C 4 -8.03 6.35 -13.65
CA CYS C 4 -7.52 5.81 -12.41
C CYS C 4 -8.64 5.38 -11.48
N GLY C 5 -8.34 4.36 -10.67
CA GLY C 5 -9.20 4.04 -9.56
C GLY C 5 -10.51 3.33 -9.89
N LEU C 6 -10.65 2.91 -11.15
CA LEU C 6 -11.83 2.18 -11.63
C LEU C 6 -11.37 0.79 -12.03
N ARG C 7 -11.81 -0.22 -11.30
CA ARG C 7 -11.25 -1.58 -11.49
C ARG C 7 -11.97 -2.30 -12.63
N PRO C 8 -11.22 -2.90 -13.54
CA PRO C 8 -11.84 -3.66 -14.64
C PRO C 8 -12.86 -4.69 -14.18
N LEU C 9 -12.60 -5.40 -13.08
CA LEU C 9 -13.49 -6.49 -12.68
C LEU C 9 -14.60 -6.06 -11.72
N PHE C 10 -14.63 -4.76 -11.38
CA PHE C 10 -15.61 -4.24 -10.42
C PHE C 10 -16.30 -3.03 -11.00
N GLU C 11 -15.79 -1.83 -10.78
CA GLU C 11 -16.47 -0.62 -11.24
C GLU C 11 -16.77 -0.64 -12.73
N LYS C 12 -15.83 -1.11 -13.54
CA LYS C 12 -16.04 -1.07 -15.00
CA LYS C 12 -16.00 -1.09 -15.00
C LYS C 12 -17.16 -1.97 -15.45
N LYS C 13 -17.53 -2.95 -14.67
CA LYS C 13 -18.64 -3.89 -14.91
CA LYS C 13 -18.68 -3.79 -15.03
C LYS C 13 -19.85 -3.65 -14.03
N SER C 14 -19.80 -2.60 -13.22
CA SER C 14 -20.83 -2.38 -12.18
C SER C 14 -21.05 -3.59 -11.26
N LEU C 15 -19.94 -4.20 -10.84
CA LEU C 15 -19.95 -5.24 -9.81
C LEU C 15 -19.28 -4.69 -8.58
N GLU C 16 -19.86 -5.02 -7.43
CA GLU C 16 -19.28 -4.59 -6.15
CA GLU C 16 -19.41 -4.61 -6.12
C GLU C 16 -18.54 -5.72 -5.50
N ASP C 17 -17.43 -5.38 -4.83
CA ASP C 17 -16.70 -6.37 -4.08
C ASP C 17 -17.39 -6.62 -2.74
N LYS C 18 -16.94 -7.66 -2.04
CA LYS C 18 -17.70 -8.17 -0.91
C LYS C 18 -17.73 -7.25 0.31
N THR C 19 -16.79 -6.31 0.43
CA THR C 19 -16.75 -5.48 1.62
C THR C 19 -16.68 -3.96 1.36
N GLU C 20 -16.78 -3.50 0.10
CA GLU C 20 -16.71 -2.06 -0.14
C GLU C 20 -17.88 -1.33 0.52
N ARG C 21 -19.01 -1.99 0.71
CA ARG C 21 -20.12 -1.34 1.37
C ARG C 21 -19.76 -0.95 2.79
N GLU C 22 -18.90 -1.70 3.47
CA GLU C 22 -18.48 -1.34 4.82
C GLU C 22 -17.79 0.03 4.80
N LEU C 23 -17.01 0.31 3.78
CA LEU C 23 -16.36 1.60 3.65
C LEU C 23 -17.43 2.67 3.48
N LEU C 24 -18.33 2.49 2.52
CA LEU C 24 -19.36 3.48 2.23
C LEU C 24 -20.16 3.81 3.48
N GLU C 25 -20.55 2.79 4.24
CA GLU C 25 -21.36 3.00 5.44
C GLU C 25 -20.64 3.83 6.49
N SER C 26 -19.31 3.85 6.48
CA SER C 26 -18.54 4.64 7.44
C SER C 26 -18.44 6.12 7.05
N TYR C 27 -18.81 6.45 5.82
CA TYR C 27 -18.60 7.81 5.31
C TYR C 27 -19.87 8.60 5.64
N ILE C 28 -20.00 8.98 6.91
CA ILE C 28 -21.23 9.52 7.51
C ILE C 28 -21.16 11.01 7.76
N ASP C 29 -22.18 11.63 8.07
#